data_6TW9
#
_entry.id   6TW9
#
_cell.length_a   40.376
_cell.length_b   61.213
_cell.length_c   87.678
_cell.angle_alpha   90.000
_cell.angle_beta   90.000
_cell.angle_gamma   90.000
#
_symmetry.space_group_name_H-M   'P 21 21 21'
#
loop_
_entity.id
_entity.type
_entity.pdbx_description
1 polymer 'DNA repair and recombination protein RadA'
2 non-polymer ~{N}-[2-[(2~{S},4~{R})-2-[[(1~{S})-1-(2-chloranyl-4-methoxy-phenyl)ethyl]carbamoyl]-4-oxidanyl-pyrrolidin-1-yl]-2-oxidanylidene-ethyl]-6-fluoranyl-quinoline-2-carboxamide
3 non-polymer 'CALCIUM ION'
4 non-polymer GLYCEROL
5 water water
#
_entity_poly.entity_id   1
_entity_poly.type   'polypeptide(L)'
_entity_poly.pdbx_seq_one_letter_code
;MATIGRISTGSKSLDKLLGGGIETQAITEVFGEFGSGKTQLAHTLAVMVQLPPEEGGLNGSAMYIDTENTFRPERLREIA
QNRGLDPDEVLDNVAYARAFNSNHQMLLVQQAEDMIKELLNTDRPVKLLIVDSLTSHFRSEYIGRGALAERQQKLAKHLA
DLHRLANLYDIAVFVTNQVQANGGHILAHSATLRVYLRKGKGGKRIARLIDAPHLPEGEAVFSITEKGIED
;
_entity_poly.pdbx_strand_id   A
#
# COMPACT_ATOMS: atom_id res chain seq x y z
N ALA A 2 13.18 -13.00 10.79
CA ALA A 2 12.29 -13.71 9.87
C ALA A 2 12.52 -13.27 8.40
N THR A 3 12.36 -14.20 7.45
CA THR A 3 12.56 -13.92 6.04
C THR A 3 11.58 -12.81 5.60
N ILE A 4 12.06 -11.92 4.75
CA ILE A 4 11.23 -10.85 4.18
C ILE A 4 10.42 -11.50 3.05
N GLY A 5 9.10 -11.31 3.02
CA GLY A 5 8.25 -11.75 1.93
C GLY A 5 8.12 -10.62 0.93
N ARG A 6 7.82 -10.94 -0.32
CA ARG A 6 7.68 -9.93 -1.35
C ARG A 6 6.37 -10.16 -2.09
N ILE A 7 5.61 -9.11 -2.31
CA ILE A 7 4.37 -9.18 -3.04
C ILE A 7 4.57 -8.53 -4.41
N SER A 8 4.28 -9.26 -5.49
CA SER A 8 4.40 -8.72 -6.81
C SER A 8 3.37 -7.63 -7.00
N THR A 9 3.76 -6.55 -7.71
CA THR A 9 2.86 -5.49 -8.11
C THR A 9 2.01 -5.83 -9.32
N GLY A 10 2.36 -6.89 -10.03
CA GLY A 10 1.76 -7.27 -11.30
C GLY A 10 2.63 -6.86 -12.48
N SER A 11 3.53 -5.87 -12.27
CA SER A 11 4.46 -5.37 -13.27
C SER A 11 5.88 -5.90 -13.01
N LYS A 12 6.48 -6.58 -14.00
CA LYS A 12 7.84 -7.07 -13.89
C LYS A 12 8.83 -5.89 -13.76
N SER A 13 8.55 -4.81 -14.51
CA SER A 13 9.36 -3.61 -14.49
C SER A 13 9.37 -3.00 -13.07
N LEU A 14 8.19 -2.77 -12.49
CA LEU A 14 8.11 -2.20 -11.16
C LEU A 14 8.68 -3.15 -10.10
N ASP A 15 8.40 -4.45 -10.24
CA ASP A 15 8.96 -5.42 -9.30
C ASP A 15 10.48 -5.35 -9.33
N LYS A 16 11.08 -5.21 -10.53
CA LYS A 16 12.55 -5.11 -10.61
C LYS A 16 13.07 -3.89 -9.86
N LEU A 17 12.43 -2.75 -10.07
CA LEU A 17 12.81 -1.51 -9.39
C LEU A 17 12.75 -1.70 -7.86
N LEU A 18 11.73 -2.43 -7.38
CA LEU A 18 11.54 -2.62 -5.94
C LEU A 18 12.45 -3.68 -5.36
N GLY A 19 13.18 -4.41 -6.21
CA GLY A 19 14.05 -5.49 -5.74
C GLY A 19 13.31 -6.81 -5.59
N GLY A 20 12.18 -6.97 -6.27
CA GLY A 20 11.39 -8.20 -6.27
C GLY A 20 9.92 -8.09 -5.91
N GLY A 21 9.52 -6.93 -5.42
CA GLY A 21 8.16 -6.67 -5.00
C GLY A 21 8.12 -5.84 -3.73
N ILE A 22 6.93 -5.65 -3.20
CA ILE A 22 6.67 -4.90 -1.99
C ILE A 22 7.02 -5.78 -0.82
N GLU A 23 7.83 -5.30 0.13
CA GLU A 23 8.33 -6.12 1.20
C GLU A 23 7.46 -6.18 2.43
N THR A 24 7.43 -7.33 3.09
CA THR A 24 6.90 -7.43 4.42
C THR A 24 7.98 -6.82 5.36
N GLN A 25 7.63 -6.52 6.63
CA GLN A 25 8.54 -5.89 7.57
C GLN A 25 9.02 -4.51 7.08
N ALA A 26 8.16 -3.82 6.33
CA ALA A 26 8.46 -2.53 5.77
C ALA A 26 7.20 -1.74 5.48
N ILE A 27 7.32 -0.40 5.46
CA ILE A 27 6.29 0.48 4.96
C ILE A 27 6.77 0.99 3.63
N THR A 28 6.03 0.73 2.57
CA THR A 28 6.33 1.27 1.25
C THR A 28 5.32 2.39 1.00
N GLU A 29 5.82 3.60 0.70
CA GLU A 29 4.98 4.72 0.39
C GLU A 29 5.08 5.00 -1.09
N VAL A 30 3.92 5.15 -1.76
N VAL A 30 3.94 5.14 -1.74
CA VAL A 30 3.84 5.49 -3.18
CA VAL A 30 3.88 5.57 -3.10
C VAL A 30 3.10 6.82 -3.28
C VAL A 30 3.21 6.95 -3.10
N PHE A 31 3.73 7.88 -3.87
CA PHE A 31 3.14 9.19 -3.90
C PHE A 31 3.14 9.77 -5.27
N GLY A 32 2.19 10.64 -5.52
CA GLY A 32 2.08 11.22 -6.83
C GLY A 32 0.76 11.93 -6.96
N GLU A 33 0.48 12.50 -8.14
CA GLU A 33 -0.80 13.17 -8.34
C GLU A 33 -1.91 12.18 -8.52
N PHE A 34 -3.14 12.70 -8.49
CA PHE A 34 -4.30 11.90 -8.73
C PHE A 34 -4.20 11.22 -10.11
N GLY A 35 -4.45 9.92 -10.17
CA GLY A 35 -4.37 9.17 -11.42
C GLY A 35 -2.96 8.67 -11.78
N SER A 36 -1.98 8.92 -10.90
CA SER A 36 -0.59 8.52 -11.16
C SER A 36 -0.36 7.02 -11.07
N GLY A 37 -1.32 6.27 -10.52
CA GLY A 37 -1.26 4.81 -10.39
C GLY A 37 -1.22 4.36 -8.94
N LYS A 38 -1.07 5.28 -7.99
CA LYS A 38 -0.96 4.95 -6.59
C LYS A 38 -2.12 4.13 -6.08
N THR A 39 -3.34 4.52 -6.38
CA THR A 39 -4.52 3.83 -5.88
C THR A 39 -4.81 2.56 -6.70
N GLN A 40 -4.49 2.56 -8.02
CA GLN A 40 -4.65 1.36 -8.83
C GLN A 40 -3.68 0.29 -8.31
N LEU A 41 -2.46 0.73 -7.91
CA LEU A 41 -1.48 -0.20 -7.34
C LEU A 41 -1.99 -0.75 -5.99
N ALA A 42 -2.59 0.10 -5.14
CA ALA A 42 -3.15 -0.35 -3.88
C ALA A 42 -4.20 -1.43 -4.13
N HIS A 43 -5.11 -1.20 -5.09
CA HIS A 43 -6.14 -2.23 -5.40
C HIS A 43 -5.50 -3.52 -5.94
N THR A 44 -4.50 -3.40 -6.82
CA THR A 44 -3.85 -4.58 -7.40
C THR A 44 -3.17 -5.40 -6.30
N LEU A 45 -2.45 -4.73 -5.39
CA LEU A 45 -1.74 -5.47 -4.33
C LEU A 45 -2.71 -6.23 -3.42
N ALA A 46 -3.88 -5.65 -3.17
CA ALA A 46 -4.90 -6.32 -2.37
C ALA A 46 -5.32 -7.67 -2.95
N VAL A 47 -5.21 -7.83 -4.28
CA VAL A 47 -5.47 -9.08 -4.98
C VAL A 47 -4.20 -9.92 -4.99
N MET A 48 -3.07 -9.31 -5.41
CA MET A 48 -1.81 -10.06 -5.59
C MET A 48 -1.34 -10.78 -4.29
N VAL A 49 -1.54 -10.14 -3.13
CA VAL A 49 -1.12 -10.76 -1.89
C VAL A 49 -1.78 -12.10 -1.61
N GLN A 50 -2.96 -12.33 -2.19
CA GLN A 50 -3.74 -13.53 -1.92
C GLN A 50 -3.19 -14.71 -2.73
N LEU A 51 -2.40 -14.45 -3.78
CA LEU A 51 -1.86 -15.51 -4.63
C LEU A 51 -0.80 -16.33 -3.88
N PRO A 52 -0.52 -17.53 -4.37
CA PRO A 52 0.57 -18.33 -3.79
C PRO A 52 1.91 -17.69 -4.23
N PRO A 53 3.01 -18.05 -3.54
CA PRO A 53 4.28 -17.37 -3.81
C PRO A 53 4.83 -17.52 -5.22
N GLU A 54 4.57 -18.66 -5.88
CA GLU A 54 5.05 -18.84 -7.24
C GLU A 54 4.27 -17.97 -8.26
N GLU A 55 3.22 -17.28 -7.78
CA GLU A 55 2.44 -16.34 -8.56
C GLU A 55 2.68 -14.91 -8.02
N GLY A 56 3.61 -14.74 -7.08
CA GLY A 56 3.92 -13.41 -6.57
C GLY A 56 3.21 -12.97 -5.32
N GLY A 57 2.41 -13.85 -4.68
CA GLY A 57 1.72 -13.48 -3.47
C GLY A 57 2.29 -14.15 -2.23
N LEU A 58 1.54 -14.01 -1.15
CA LEU A 58 1.93 -14.54 0.14
C LEU A 58 0.85 -15.44 0.77
N ASN A 59 -0.10 -15.97 -0.04
CA ASN A 59 -1.19 -16.78 0.47
C ASN A 59 -1.88 -16.04 1.64
N GLY A 60 -2.03 -14.73 1.50
CA GLY A 60 -2.52 -13.92 2.59
C GLY A 60 -3.82 -13.21 2.31
N SER A 61 -4.24 -12.39 3.27
CA SER A 61 -5.37 -11.50 3.13
C SER A 61 -4.91 -10.07 3.31
N ALA A 62 -5.81 -9.14 3.00
CA ALA A 62 -5.51 -7.73 3.00
C ALA A 62 -6.45 -6.96 3.90
N MET A 63 -5.96 -5.83 4.39
CA MET A 63 -6.77 -4.88 5.15
C MET A 63 -6.55 -3.51 4.46
N TYR A 64 -7.62 -2.72 4.29
CA TYR A 64 -7.59 -1.49 3.52
C TYR A 64 -8.30 -0.38 4.27
N ILE A 65 -7.55 0.66 4.64
CA ILE A 65 -8.05 1.88 5.25
C ILE A 65 -8.21 2.87 4.11
N ASP A 66 -9.42 3.42 3.93
CA ASP A 66 -9.77 4.39 2.91
C ASP A 66 -10.01 5.72 3.61
N THR A 67 -9.34 6.78 3.19
CA THR A 67 -9.53 8.08 3.82
C THR A 67 -10.32 9.06 2.97
N GLU A 68 -10.32 8.87 1.64
CA GLU A 68 -10.97 9.75 0.65
C GLU A 68 -12.01 9.04 -0.22
N ASN A 69 -12.54 7.87 0.19
CA ASN A 69 -13.60 7.16 -0.51
C ASN A 69 -13.24 6.75 -1.92
N THR A 70 -12.02 6.27 -2.11
CA THR A 70 -11.59 5.82 -3.43
C THR A 70 -11.50 4.32 -3.57
N PHE A 71 -11.92 3.53 -2.56
CA PHE A 71 -11.93 2.10 -2.70
C PHE A 71 -13.08 1.69 -3.60
N ARG A 72 -12.80 0.82 -4.56
CA ARG A 72 -13.80 0.36 -5.50
C ARG A 72 -13.83 -1.16 -5.48
N PRO A 73 -14.79 -1.77 -4.78
CA PRO A 73 -14.85 -3.25 -4.75
C PRO A 73 -15.00 -3.90 -6.13
N GLU A 74 -15.69 -3.26 -7.08
CA GLU A 74 -15.80 -3.90 -8.40
C GLU A 74 -14.49 -3.88 -9.15
N ARG A 75 -13.60 -2.94 -8.79
CA ARG A 75 -12.28 -2.89 -9.45
C ARG A 75 -11.44 -4.09 -8.94
N LEU A 76 -11.53 -4.40 -7.66
CA LEU A 76 -10.90 -5.60 -7.11
C LEU A 76 -11.45 -6.85 -7.80
N ARG A 77 -12.79 -6.90 -7.94
CA ARG A 77 -13.43 -8.04 -8.60
C ARG A 77 -12.95 -8.18 -10.05
N GLU A 78 -12.78 -7.06 -10.77
CA GLU A 78 -12.32 -7.09 -12.17
C GLU A 78 -10.89 -7.63 -12.26
N ILE A 79 -10.02 -7.11 -11.41
CA ILE A 79 -8.60 -7.52 -11.37
C ILE A 79 -8.52 -9.02 -11.06
N ALA A 80 -9.30 -9.45 -10.07
CA ALA A 80 -9.30 -10.86 -9.72
C ALA A 80 -9.76 -11.74 -10.87
N GLN A 81 -10.92 -11.42 -11.46
CA GLN A 81 -11.47 -12.21 -12.55
C GLN A 81 -10.51 -12.32 -13.72
N ASN A 82 -9.86 -11.22 -14.09
CA ASN A 82 -8.94 -11.24 -15.21
C ASN A 82 -7.60 -11.92 -14.91
N ARG A 83 -7.29 -12.23 -13.64
CA ARG A 83 -6.13 -13.01 -13.25
C ARG A 83 -6.48 -14.47 -12.96
N GLY A 84 -7.72 -14.89 -13.28
CA GLY A 84 -8.14 -16.27 -13.10
C GLY A 84 -8.67 -16.61 -11.72
N LEU A 85 -8.97 -15.58 -10.91
CA LEU A 85 -9.42 -15.78 -9.54
C LEU A 85 -10.91 -15.48 -9.41
N ASP A 86 -11.52 -16.08 -8.41
CA ASP A 86 -12.94 -15.90 -8.14
C ASP A 86 -13.11 -14.50 -7.51
N PRO A 87 -13.84 -13.59 -8.14
CA PRO A 87 -13.91 -12.23 -7.61
C PRO A 87 -14.48 -12.11 -6.22
N ASP A 88 -15.49 -12.92 -5.88
CA ASP A 88 -16.12 -12.81 -4.57
C ASP A 88 -15.25 -13.38 -3.48
N GLU A 89 -14.52 -14.47 -3.76
CA GLU A 89 -13.60 -15.02 -2.75
C GLU A 89 -12.47 -14.00 -2.52
N VAL A 90 -12.01 -13.33 -3.59
CA VAL A 90 -10.98 -12.31 -3.42
C VAL A 90 -11.51 -11.16 -2.63
N LEU A 91 -12.69 -10.68 -2.91
CA LEU A 91 -13.25 -9.57 -2.11
C LEU A 91 -13.47 -9.98 -0.66
N ASP A 92 -13.87 -11.23 -0.40
CA ASP A 92 -14.03 -11.73 1.00
C ASP A 92 -12.70 -11.73 1.82
N ASN A 93 -11.55 -11.71 1.13
CA ASN A 93 -10.24 -11.70 1.78
C ASN A 93 -9.70 -10.31 1.96
N VAL A 94 -10.55 -9.28 1.80
CA VAL A 94 -10.20 -7.89 2.08
C VAL A 94 -11.08 -7.35 3.20
N ALA A 95 -10.46 -6.89 4.29
CA ALA A 95 -11.18 -6.18 5.35
C ALA A 95 -11.03 -4.71 4.96
N TYR A 96 -12.13 -3.97 5.02
CA TYR A 96 -12.23 -2.62 4.53
C TYR A 96 -12.75 -1.70 5.65
N ALA A 97 -12.18 -0.52 5.77
CA ALA A 97 -12.71 0.48 6.70
C ALA A 97 -12.46 1.88 6.20
N ARG A 98 -13.47 2.75 6.31
CA ARG A 98 -13.34 4.15 5.99
C ARG A 98 -12.87 4.85 7.27
N ALA A 99 -11.77 5.61 7.21
CA ALA A 99 -11.30 6.38 8.36
C ALA A 99 -12.06 7.72 8.31
N PHE A 100 -12.77 8.08 9.36
CA PHE A 100 -13.61 9.30 9.37
C PHE A 100 -12.81 10.55 9.61
N ASN A 101 -11.72 10.39 10.35
CA ASN A 101 -10.80 11.46 10.69
C ASN A 101 -9.47 10.85 11.16
N SER A 102 -8.46 11.67 11.46
CA SER A 102 -7.14 11.12 11.79
C SER A 102 -7.11 10.33 13.09
N ASN A 103 -7.95 10.71 14.08
CA ASN A 103 -7.99 9.97 15.32
C ASN A 103 -8.65 8.60 15.11
N HIS A 104 -9.70 8.55 14.30
CA HIS A 104 -10.34 7.29 13.95
C HIS A 104 -9.34 6.41 13.16
N GLN A 105 -8.55 7.03 12.29
CA GLN A 105 -7.51 6.32 11.55
C GLN A 105 -6.53 5.63 12.52
N MET A 106 -6.14 6.31 13.61
CA MET A 106 -5.26 5.71 14.58
C MET A 106 -5.94 4.53 15.26
N LEU A 107 -7.21 4.67 15.62
CA LEU A 107 -7.90 3.59 16.26
C LEU A 107 -8.00 2.37 15.31
N LEU A 108 -8.27 2.60 14.02
CA LEU A 108 -8.37 1.52 13.05
C LEU A 108 -7.07 0.71 13.02
N VAL A 109 -5.92 1.36 13.16
CA VAL A 109 -4.65 0.60 13.19
C VAL A 109 -4.58 -0.34 14.41
N GLN A 110 -5.11 0.10 15.55
CA GLN A 110 -5.21 -0.75 16.74
C GLN A 110 -6.13 -1.95 16.49
N GLN A 111 -7.26 -1.70 15.86
CA GLN A 111 -8.20 -2.75 15.54
C GLN A 111 -7.58 -3.70 14.53
N ALA A 112 -6.78 -3.20 13.59
CA ALA A 112 -6.14 -4.08 12.59
C ALA A 112 -5.27 -5.10 13.33
N GLU A 113 -4.60 -4.68 14.40
CA GLU A 113 -3.78 -5.62 15.19
C GLU A 113 -4.58 -6.80 15.70
N ASP A 114 -5.81 -6.56 16.14
CA ASP A 114 -6.65 -7.63 16.65
C ASP A 114 -6.91 -8.69 15.57
N MET A 115 -7.24 -8.26 14.34
CA MET A 115 -7.51 -9.18 13.24
C MET A 115 -6.20 -9.87 12.81
N ILE A 116 -5.07 -9.13 12.79
CA ILE A 116 -3.79 -9.70 12.44
C ILE A 116 -3.43 -10.82 13.39
N LYS A 117 -3.58 -10.57 14.70
CA LYS A 117 -3.31 -11.59 15.72
C LYS A 117 -4.18 -12.80 15.55
N GLU A 118 -5.46 -12.56 15.29
CA GLU A 118 -6.47 -13.61 15.15
C GLU A 118 -6.12 -14.55 14.00
N LEU A 119 -5.68 -14.01 12.87
CA LEU A 119 -5.43 -14.81 11.66
C LEU A 119 -3.97 -15.24 11.48
N LEU A 120 -3.08 -14.85 12.40
CA LEU A 120 -1.66 -15.05 12.23
C LEU A 120 -1.19 -16.46 11.89
N ASN A 121 -1.73 -17.44 12.60
CA ASN A 121 -1.32 -18.83 12.46
C ASN A 121 -2.32 -19.67 11.70
N THR A 122 -3.21 -19.05 10.94
CA THR A 122 -4.17 -19.78 10.08
C THR A 122 -3.50 -20.02 8.70
N ASP A 123 -4.19 -20.70 7.78
CA ASP A 123 -3.65 -20.88 6.41
C ASP A 123 -3.62 -19.59 5.60
N ARG A 124 -4.35 -18.51 6.00
CA ARG A 124 -4.40 -17.25 5.29
C ARG A 124 -4.26 -16.08 6.22
N PRO A 125 -3.03 -15.81 6.69
CA PRO A 125 -2.85 -14.67 7.60
C PRO A 125 -3.00 -13.36 6.83
N VAL A 126 -3.17 -12.26 7.57
CA VAL A 126 -3.11 -10.93 6.98
C VAL A 126 -1.67 -10.75 6.55
N LYS A 127 -1.44 -10.35 5.32
CA LYS A 127 -0.10 -10.08 4.86
C LYS A 127 0.09 -8.68 4.28
N LEU A 128 -1.00 -7.89 4.16
CA LEU A 128 -0.93 -6.55 3.59
C LEU A 128 -1.90 -5.64 4.29
N LEU A 129 -1.42 -4.47 4.72
CA LEU A 129 -2.25 -3.43 5.32
C LEU A 129 -2.02 -2.20 4.44
N ILE A 130 -3.10 -1.68 3.80
CA ILE A 130 -3.05 -0.54 2.91
C ILE A 130 -3.64 0.65 3.65
N VAL A 131 -2.98 1.79 3.56
CA VAL A 131 -3.56 3.06 4.02
C VAL A 131 -3.53 4.03 2.82
N ASP A 132 -4.69 4.27 2.20
CA ASP A 132 -4.74 5.13 1.03
C ASP A 132 -4.88 6.62 1.41
N SER A 133 -4.05 7.48 0.80
CA SER A 133 -3.98 8.91 1.09
C SER A 133 -3.82 9.08 2.61
N LEU A 134 -2.81 8.36 3.20
CA LEU A 134 -2.51 8.34 4.62
C LEU A 134 -2.51 9.68 5.28
N THR A 135 -1.95 10.69 4.63
CA THR A 135 -1.86 12.03 5.21
C THR A 135 -3.10 12.94 5.05
N SER A 136 -4.13 12.54 4.30
CA SER A 136 -5.25 13.45 3.98
C SER A 136 -5.91 14.06 5.18
N HIS A 137 -6.27 13.25 6.15
CA HIS A 137 -6.94 13.81 7.33
C HIS A 137 -5.99 14.64 8.19
N PHE A 138 -4.70 14.25 8.27
CA PHE A 138 -3.71 14.93 9.08
C PHE A 138 -3.49 16.35 8.47
N ARG A 139 -3.52 16.47 7.12
CA ARG A 139 -3.35 17.76 6.47
C ARG A 139 -4.57 18.63 6.59
N SER A 140 -5.75 18.03 6.68
CA SER A 140 -6.97 18.79 6.81
C SER A 140 -7.16 19.32 8.25
N GLU A 141 -6.71 18.53 9.26
CA GLU A 141 -6.94 18.82 10.67
C GLU A 141 -5.89 19.66 11.35
N TYR A 142 -4.61 19.45 11.01
CA TYR A 142 -3.49 20.11 11.65
C TYR A 142 -3.03 21.12 10.60
N ILE A 143 -3.48 22.36 10.76
CA ILE A 143 -3.28 23.41 9.78
C ILE A 143 -3.19 24.75 10.47
N GLY A 144 -2.27 25.57 10.02
CA GLY A 144 -2.06 26.88 10.59
C GLY A 144 -0.76 27.01 11.36
N ARG A 145 -0.63 28.13 12.05
CA ARG A 145 0.61 28.47 12.74
C ARG A 145 1.03 27.42 13.74
N GLY A 146 2.23 26.87 13.55
CA GLY A 146 2.76 25.82 14.43
C GLY A 146 2.22 24.42 14.19
N ALA A 147 1.37 24.24 13.17
CA ALA A 147 0.78 22.93 12.87
C ALA A 147 1.79 21.95 12.30
N LEU A 148 2.87 22.45 11.69
CA LEU A 148 3.86 21.54 11.09
C LEU A 148 4.39 20.55 12.14
N ALA A 149 4.86 21.04 13.30
CA ALA A 149 5.42 20.16 14.35
C ALA A 149 4.39 19.17 14.86
N GLU A 150 3.18 19.67 15.16
CA GLU A 150 2.13 18.79 15.67
C GLU A 150 1.75 17.73 14.65
N ARG A 151 1.51 18.13 13.41
CA ARG A 151 1.15 17.17 12.37
C ARG A 151 2.25 16.12 12.19
N GLN A 152 3.51 16.58 12.09
CA GLN A 152 4.63 15.66 11.87
C GLN A 152 4.80 14.69 13.03
N GLN A 153 4.59 15.13 14.30
N GLN A 153 4.60 15.16 14.28
CA GLN A 153 4.69 14.25 15.46
CA GLN A 153 4.69 14.32 15.47
C GLN A 153 3.57 13.21 15.43
C GLN A 153 3.58 13.24 15.41
N LYS A 154 2.35 13.65 15.10
CA LYS A 154 1.21 12.73 15.03
C LYS A 154 1.40 11.72 13.87
N LEU A 155 1.90 12.18 12.72
CA LEU A 155 2.17 11.23 11.61
C LEU A 155 3.32 10.31 12.01
N ALA A 156 4.36 10.82 12.68
CA ALA A 156 5.49 9.97 13.01
C ALA A 156 5.05 8.86 13.93
N LYS A 157 4.12 9.14 14.86
CA LYS A 157 3.56 8.14 15.79
C LYS A 157 2.71 7.11 15.06
N HIS A 158 1.88 7.57 14.14
CA HIS A 158 1.04 6.69 13.35
C HIS A 158 1.92 5.77 12.52
N LEU A 159 2.99 6.31 11.93
CA LEU A 159 3.92 5.49 11.14
C LEU A 159 4.67 4.52 12.01
N ALA A 160 5.05 4.92 13.25
CA ALA A 160 5.73 4.01 14.16
C ALA A 160 4.79 2.84 14.51
N ASP A 161 3.49 3.12 14.72
CA ASP A 161 2.48 2.07 14.97
C ASP A 161 2.44 1.11 13.75
N LEU A 162 2.44 1.66 12.54
CA LEU A 162 2.39 0.83 11.34
C LEU A 162 3.69 0.01 11.18
N HIS A 163 4.85 0.61 11.44
CA HIS A 163 6.13 -0.12 11.36
C HIS A 163 6.09 -1.29 12.34
N ARG A 164 5.56 -1.08 13.54
CA ARG A 164 5.53 -2.17 14.52
C ARG A 164 4.67 -3.34 14.01
N LEU A 165 3.52 -3.06 13.41
CA LEU A 165 2.71 -4.16 12.86
C LEU A 165 3.46 -4.89 11.77
N ALA A 166 4.14 -4.14 10.90
CA ALA A 166 4.87 -4.74 9.79
C ALA A 166 5.94 -5.68 10.30
N ASN A 167 6.68 -5.22 11.29
CA ASN A 167 7.80 -5.97 11.84
C ASN A 167 7.39 -7.10 12.75
N LEU A 168 6.43 -6.88 13.64
CA LEU A 168 5.98 -7.88 14.60
C LEU A 168 5.24 -9.06 13.95
N TYR A 169 4.43 -8.74 12.93
CA TYR A 169 3.57 -9.73 12.32
C TYR A 169 3.95 -10.13 10.90
N ASP A 170 5.10 -9.66 10.38
CA ASP A 170 5.60 -9.98 9.08
C ASP A 170 4.56 -9.67 8.02
N ILE A 171 4.12 -8.41 8.00
CA ILE A 171 3.20 -7.93 6.97
C ILE A 171 3.86 -6.80 6.21
N ALA A 172 3.34 -6.56 4.99
CA ALA A 172 3.71 -5.43 4.18
C ALA A 172 2.72 -4.34 4.50
N VAL A 173 3.22 -3.12 4.75
CA VAL A 173 2.35 -1.98 4.92
C VAL A 173 2.58 -1.09 3.68
N PHE A 174 1.50 -0.76 2.97
CA PHE A 174 1.56 0.00 1.76
C PHE A 174 0.71 1.24 1.95
N VAL A 175 1.32 2.39 1.79
CA VAL A 175 0.63 3.66 1.98
C VAL A 175 0.75 4.52 0.76
N THR A 176 -0.27 5.32 0.52
CA THR A 176 -0.25 6.22 -0.60
C THR A 176 -0.41 7.63 -0.14
N ASN A 177 0.07 8.56 -0.95
CA ASN A 177 -0.10 9.95 -0.64
C ASN A 177 -0.21 10.79 -1.90
N GLN A 178 -1.04 11.81 -1.83
CA GLN A 178 -1.14 12.81 -2.89
C GLN A 178 0.04 13.78 -2.74
N VAL A 179 0.68 14.17 -3.85
CA VAL A 179 1.80 15.13 -3.85
C VAL A 179 1.41 16.44 -3.13
N ILE A 186 10.42 19.69 1.74
CA ILE A 186 11.32 19.74 2.90
C ILE A 186 10.79 18.94 4.10
N LEU A 187 9.57 18.36 4.04
CA LEU A 187 9.05 17.65 5.22
C LEU A 187 9.72 16.31 5.41
N ALA A 188 9.91 15.91 6.68
CA ALA A 188 10.48 14.60 6.98
C ALA A 188 9.46 13.52 6.64
N HIS A 189 9.94 12.30 6.32
CA HIS A 189 9.07 11.17 6.03
C HIS A 189 9.70 9.98 6.73
N SER A 190 8.92 8.97 7.06
CA SER A 190 9.51 7.85 7.77
C SER A 190 9.13 6.47 7.20
N ALA A 191 8.57 6.40 5.99
CA ALA A 191 8.37 5.10 5.33
C ALA A 191 9.76 4.47 5.08
N THR A 192 9.81 3.13 4.96
CA THR A 192 11.03 2.42 4.67
C THR A 192 11.51 2.75 3.26
N LEU A 193 10.56 2.80 2.31
CA LEU A 193 10.87 3.02 0.92
C LEU A 193 9.85 3.97 0.34
N ARG A 194 10.29 5.00 -0.37
CA ARG A 194 9.39 5.93 -1.02
C ARG A 194 9.50 5.85 -2.54
N VAL A 195 8.35 5.75 -3.23
CA VAL A 195 8.28 5.62 -4.68
C VAL A 195 7.43 6.71 -5.26
N TYR A 196 8.00 7.52 -6.15
CA TYR A 196 7.30 8.61 -6.82
C TYR A 196 6.71 8.07 -8.12
N LEU A 197 5.43 8.29 -8.35
CA LEU A 197 4.76 7.86 -9.57
C LEU A 197 4.29 9.08 -10.37
N ARG A 198 4.34 8.99 -11.68
CA ARG A 198 3.87 10.04 -12.58
C ARG A 198 3.33 9.44 -13.86
N LYS A 199 2.54 10.21 -14.58
CA LYS A 199 2.10 9.74 -15.89
C LYS A 199 3.20 9.95 -16.91
N GLY A 200 3.30 9.03 -17.85
CA GLY A 200 4.21 9.14 -18.97
C GLY A 200 3.45 9.04 -20.29
N LYS A 201 4.20 8.82 -21.33
CA LYS A 201 3.61 8.70 -22.68
C LYS A 201 2.97 7.35 -22.87
N GLY A 202 2.07 7.29 -23.84
CA GLY A 202 1.42 6.03 -24.20
C GLY A 202 0.52 5.45 -23.14
N GLY A 203 0.03 6.29 -22.22
CA GLY A 203 -0.82 5.85 -21.12
C GLY A 203 -0.03 5.18 -20.01
N LYS A 204 1.29 5.17 -20.10
CA LYS A 204 2.08 4.48 -19.09
C LYS A 204 2.22 5.35 -17.88
N ARG A 205 2.65 4.71 -16.80
CA ARG A 205 3.04 5.35 -15.56
C ARG A 205 4.51 5.03 -15.38
N ILE A 206 5.23 5.96 -14.75
CA ILE A 206 6.66 5.89 -14.52
C ILE A 206 6.89 5.92 -13.02
N ALA A 207 7.74 5.03 -12.53
CA ALA A 207 8.08 4.95 -11.12
C ALA A 207 9.56 5.23 -10.90
N ARG A 208 9.86 5.95 -9.85
CA ARG A 208 11.22 6.28 -9.45
C ARG A 208 11.33 6.13 -7.93
N LEU A 209 12.42 5.54 -7.47
CA LEU A 209 12.67 5.42 -6.04
C LEU A 209 13.24 6.73 -5.56
N ILE A 210 12.80 7.18 -4.39
CA ILE A 210 13.27 8.45 -3.86
C ILE A 210 14.14 8.16 -2.65
N ASP A 211 15.36 8.73 -2.61
CA ASP A 211 16.29 8.61 -1.49
C ASP A 211 16.56 7.14 -1.10
N ALA A 212 16.82 6.29 -2.11
CA ALA A 212 17.05 4.86 -1.93
C ALA A 212 18.41 4.52 -2.54
N PRO A 213 19.49 4.91 -1.84
CA PRO A 213 20.85 4.58 -2.31
C PRO A 213 21.14 3.08 -2.24
N HIS A 214 20.36 2.36 -1.44
CA HIS A 214 20.47 0.92 -1.27
C HIS A 214 19.93 0.18 -2.50
N LEU A 215 19.03 0.82 -3.30
CA LEU A 215 18.51 0.22 -4.52
C LEU A 215 19.13 0.86 -5.78
N PRO A 216 19.28 0.07 -6.84
CA PRO A 216 19.95 0.55 -8.07
C PRO A 216 19.20 1.64 -8.85
N GLU A 217 19.96 2.42 -9.63
CA GLU A 217 19.47 3.52 -10.44
C GLU A 217 18.57 3.01 -11.60
N GLY A 218 17.47 3.70 -11.82
CA GLY A 218 16.54 3.34 -12.85
C GLY A 218 15.14 3.84 -12.59
N GLU A 219 14.30 3.68 -13.60
CA GLU A 219 12.89 3.99 -13.52
C GLU A 219 12.14 2.81 -14.11
N ALA A 220 11.00 2.50 -13.53
CA ALA A 220 10.12 1.43 -14.02
C ALA A 220 8.97 2.06 -14.81
N VAL A 221 8.42 1.29 -15.75
CA VAL A 221 7.32 1.68 -16.61
C VAL A 221 6.24 0.63 -16.52
N PHE A 222 5.00 1.07 -16.31
CA PHE A 222 3.91 0.12 -16.23
C PHE A 222 2.63 0.71 -16.76
N SER A 223 1.65 -0.18 -17.00
N SER A 223 1.62 -0.12 -16.92
CA SER A 223 0.32 0.16 -17.54
CA SER A 223 0.33 0.36 -17.39
C SER A 223 -0.77 -0.15 -16.51
C SER A 223 -0.76 -0.04 -16.43
N ILE A 224 -1.93 0.55 -16.61
CA ILE A 224 -3.11 0.28 -15.79
C ILE A 224 -4.05 -0.43 -16.76
N THR A 225 -4.41 -1.68 -16.44
CA THR A 225 -5.20 -2.50 -17.32
C THR A 225 -6.35 -3.16 -16.58
N GLU A 226 -7.02 -4.06 -17.28
CA GLU A 226 -8.08 -4.86 -16.68
C GLU A 226 -7.54 -5.85 -15.64
N LYS A 227 -6.21 -6.08 -15.61
CA LYS A 227 -5.57 -6.91 -14.59
C LYS A 227 -5.00 -6.05 -13.46
N GLY A 228 -5.30 -4.75 -13.44
CA GLY A 228 -4.82 -3.85 -12.42
C GLY A 228 -3.61 -3.11 -12.91
N ILE A 229 -2.44 -3.59 -12.53
CA ILE A 229 -1.14 -3.11 -12.94
C ILE A 229 -0.42 -4.27 -13.66
N GLU A 230 0.25 -3.91 -14.76
CA GLU A 230 1.13 -4.83 -15.47
C GLU A 230 2.09 -4.02 -16.32
N ASP A 231 3.09 -4.64 -16.97
CA ASP A 231 4.03 -3.88 -17.79
C ASP A 231 3.31 -3.22 -18.94
#